data_2KRO
#
_entry.id   2KRO
#
_entity_poly.entity_id   1
_entity_poly.type   'polypeptide(L)'
_entity_poly.pdbx_seq_one_letter_code
;GAMGAKEYCRTLFPYTGTNEDELTFREGEIIHLISKETGEAGWWKGELNGKEGVFPDNFAVQIS
;
_entity_poly.pdbx_strand_id   A
#
# COMPACT_ATOMS: atom_id res chain seq x y z
N GLY A 1 2.79 -1.22 -10.20
CA GLY A 1 3.79 -1.79 -11.15
C GLY A 1 4.71 -0.74 -11.73
N ALA A 2 4.21 0.00 -12.73
CA ALA A 2 4.98 1.06 -13.39
C ALA A 2 6.15 0.48 -14.19
N MET A 3 7.24 0.12 -13.51
CA MET A 3 8.42 -0.42 -14.20
C MET A 3 8.69 -1.88 -13.80
N GLY A 4 7.64 -2.72 -13.84
CA GLY A 4 7.83 -4.12 -13.46
C GLY A 4 6.53 -4.85 -13.20
N ALA A 5 6.65 -6.13 -12.87
CA ALA A 5 5.49 -6.99 -12.63
C ALA A 5 5.21 -7.19 -11.14
N LYS A 6 6.23 -7.04 -10.29
CA LYS A 6 6.04 -7.23 -8.86
C LYS A 6 6.53 -6.02 -8.07
N GLU A 7 5.69 -5.52 -7.16
CA GLU A 7 6.06 -4.38 -6.34
C GLU A 7 5.89 -4.74 -4.86
N TYR A 8 6.95 -4.51 -4.08
CA TYR A 8 6.92 -4.81 -2.65
C TYR A 8 7.33 -3.57 -1.86
N CYS A 9 6.60 -3.24 -0.81
CA CYS A 9 6.96 -2.08 0.00
C CYS A 9 7.00 -2.44 1.48
N ARG A 10 7.99 -1.93 2.20
CA ARG A 10 8.12 -2.23 3.62
C ARG A 10 7.54 -1.08 4.44
N THR A 11 6.69 -1.42 5.40
CA THR A 11 6.06 -0.40 6.24
C THR A 11 7.02 0.09 7.32
N LEU A 12 6.99 1.39 7.58
CA LEU A 12 7.85 1.98 8.61
C LEU A 12 7.03 2.67 9.70
N PHE A 13 5.71 2.77 9.51
CA PHE A 13 4.83 3.40 10.49
C PHE A 13 3.45 2.73 10.47
N PRO A 14 2.74 2.75 11.60
CA PRO A 14 1.41 2.13 11.70
C PRO A 14 0.34 3.03 11.08
N TYR A 15 -0.52 2.41 10.27
CA TYR A 15 -1.60 3.12 9.60
C TYR A 15 -2.94 2.43 9.86
N THR A 16 -3.92 3.20 10.34
CA THR A 16 -5.24 2.67 10.62
C THR A 16 -6.25 3.18 9.60
N GLY A 17 -6.91 2.26 8.89
CA GLY A 17 -7.88 2.66 7.89
C GLY A 17 -9.11 3.29 8.51
N THR A 18 -9.48 4.48 8.05
CA THR A 18 -10.65 5.19 8.56
C THR A 18 -11.95 4.66 7.92
N ASN A 19 -11.83 4.28 6.64
CA ASN A 19 -12.93 3.72 5.87
C ASN A 19 -12.77 2.22 5.72
N GLU A 20 -13.89 1.52 5.48
CA GLU A 20 -13.90 0.07 5.30
C GLU A 20 -13.06 -0.35 4.07
N ASP A 21 -12.92 0.56 3.10
CA ASP A 21 -12.15 0.27 1.89
C ASP A 21 -10.66 0.61 2.08
N GLU A 22 -10.36 1.35 3.15
CA GLU A 22 -8.98 1.74 3.44
C GLU A 22 -8.20 0.57 4.04
N LEU A 23 -6.90 0.52 3.73
CA LEU A 23 -6.03 -0.55 4.23
C LEU A 23 -5.48 -0.21 5.62
N THR A 24 -5.20 -1.25 6.41
CA THR A 24 -4.65 -1.07 7.75
C THR A 24 -3.42 -1.95 7.95
N PHE A 25 -2.41 -1.44 8.65
CA PHE A 25 -1.18 -2.20 8.88
C PHE A 25 -0.30 -1.55 9.96
N ARG A 26 0.71 -2.29 10.41
CA ARG A 26 1.65 -1.79 11.42
C ARG A 26 3.01 -1.58 10.75
N GLU A 27 3.95 -0.96 11.45
CA GLU A 27 5.29 -0.74 10.90
C GLU A 27 6.11 -2.03 10.91
N GLY A 28 6.64 -2.39 9.74
CA GLY A 28 7.44 -3.60 9.62
C GLY A 28 6.65 -4.75 9.01
N GLU A 29 6.22 -4.57 7.76
CA GLU A 29 5.42 -5.57 7.05
C GLU A 29 5.50 -5.32 5.55
N ILE A 30 5.76 -6.37 4.77
CA ILE A 30 5.88 -6.22 3.32
C ILE A 30 4.51 -6.26 2.65
N ILE A 31 4.20 -5.19 1.92
CA ILE A 31 2.93 -5.04 1.24
C ILE A 31 3.08 -5.15 -0.28
N HIS A 32 2.08 -5.76 -0.93
CA HIS A 32 2.09 -5.92 -2.37
C HIS A 32 1.39 -4.73 -3.04
N LEU A 33 2.08 -4.06 -3.97
CA LEU A 33 1.52 -2.91 -4.65
C LEU A 33 0.79 -3.34 -5.92
N ILE A 34 -0.50 -3.02 -5.98
CA ILE A 34 -1.36 -3.39 -7.11
C ILE A 34 -1.42 -2.30 -8.17
N SER A 35 -1.66 -1.05 -7.74
CA SER A 35 -1.76 0.07 -8.67
C SER A 35 -1.26 1.38 -8.04
N LYS A 36 -0.25 2.00 -8.64
CA LYS A 36 0.28 3.26 -8.12
C LYS A 36 -0.66 4.42 -8.46
N GLU A 37 -1.54 4.21 -9.46
CA GLU A 37 -2.51 5.23 -9.85
C GLU A 37 -3.93 4.72 -9.63
N THR A 38 -4.61 5.24 -8.61
CA THR A 38 -5.97 4.81 -8.31
C THR A 38 -7.01 5.90 -8.62
N GLY A 39 -6.57 6.98 -9.26
CA GLY A 39 -7.47 8.08 -9.59
C GLY A 39 -7.30 9.26 -8.65
N GLU A 40 -6.37 9.13 -7.71
CA GLU A 40 -6.06 10.17 -6.73
C GLU A 40 -4.54 10.25 -6.60
N ALA A 41 -4.02 11.48 -6.57
CA ALA A 41 -2.58 11.67 -6.44
C ALA A 41 -2.08 11.31 -5.05
N GLY A 42 -0.98 10.57 -5.00
CA GLY A 42 -0.42 10.16 -3.72
C GLY A 42 -1.07 8.94 -3.10
N TRP A 43 -2.14 8.42 -3.71
CA TRP A 43 -2.82 7.24 -3.16
C TRP A 43 -2.36 5.96 -3.85
N TRP A 44 -2.06 4.95 -3.04
CA TRP A 44 -1.60 3.65 -3.55
C TRP A 44 -2.55 2.54 -3.12
N LYS A 45 -2.67 1.53 -3.98
CA LYS A 45 -3.55 0.40 -3.71
C LYS A 45 -2.72 -0.87 -3.54
N GLY A 46 -2.96 -1.59 -2.45
CA GLY A 46 -2.23 -2.82 -2.21
C GLY A 46 -3.11 -3.90 -1.61
N GLU A 47 -2.56 -5.10 -1.47
CA GLU A 47 -3.31 -6.23 -0.92
C GLU A 47 -2.61 -6.80 0.31
N LEU A 48 -3.40 -7.01 1.36
CA LEU A 48 -2.92 -7.55 2.62
C LEU A 48 -3.99 -8.44 3.24
N ASN A 49 -3.68 -9.75 3.33
CA ASN A 49 -4.63 -10.71 3.89
C ASN A 49 -5.88 -10.80 3.03
N GLY A 50 -5.68 -10.93 1.70
CA GLY A 50 -6.78 -11.05 0.76
C GLY A 50 -7.66 -9.82 0.63
N LYS A 51 -7.27 -8.68 1.21
CA LYS A 51 -8.07 -7.46 1.12
C LYS A 51 -7.33 -6.37 0.33
N GLU A 52 -8.06 -5.68 -0.54
CA GLU A 52 -7.49 -4.61 -1.37
C GLU A 52 -7.99 -3.25 -0.89
N GLY A 53 -7.13 -2.23 -0.95
CA GLY A 53 -7.54 -0.90 -0.52
C GLY A 53 -6.52 0.19 -0.84
N VAL A 54 -6.96 1.45 -0.75
CA VAL A 54 -6.11 2.61 -1.06
C VAL A 54 -5.53 3.21 0.22
N PHE A 55 -4.48 4.03 0.05
CA PHE A 55 -3.82 4.66 1.19
C PHE A 55 -2.51 5.38 0.81
N PRO A 56 -2.27 6.56 1.43
CA PRO A 56 -1.01 7.31 1.27
C PRO A 56 0.19 6.40 1.54
N ASP A 57 0.94 6.19 0.45
CA ASP A 57 2.13 5.35 0.42
C ASP A 57 3.30 5.83 1.30
N ASN A 58 3.08 6.81 2.20
CA ASN A 58 4.16 7.34 3.02
C ASN A 58 4.47 6.47 4.23
N PHE A 59 3.62 5.47 4.52
CA PHE A 59 3.84 4.57 5.65
C PHE A 59 4.64 3.33 5.23
N ALA A 60 5.13 3.33 3.98
CA ALA A 60 5.91 2.21 3.46
C ALA A 60 6.96 2.71 2.46
N VAL A 61 8.01 1.92 2.28
CA VAL A 61 9.10 2.26 1.35
C VAL A 61 9.18 1.22 0.23
N GLN A 62 9.17 1.69 -1.01
CA GLN A 62 9.28 0.82 -2.17
C GLN A 62 10.74 0.44 -2.42
N ILE A 63 11.00 -0.84 -2.67
CA ILE A 63 12.37 -1.32 -2.93
C ILE A 63 12.99 -0.58 -4.13
N SER A 64 12.19 -0.37 -5.18
CA SER A 64 12.67 0.31 -6.38
C SER A 64 12.37 1.80 -6.31
N GLY A 1 1.45 -1.63 -11.73
CA GLY A 1 2.72 -1.74 -12.51
C GLY A 1 3.40 -0.40 -12.70
N ALA A 2 2.87 0.41 -13.61
CA ALA A 2 3.42 1.74 -13.90
C ALA A 2 4.81 1.65 -14.54
N MET A 3 5.90 1.80 -13.78
CA MET A 3 7.24 1.70 -14.38
C MET A 3 7.97 0.43 -13.91
N GLY A 4 7.21 -0.62 -13.59
CA GLY A 4 7.84 -1.86 -13.14
C GLY A 4 6.82 -2.94 -12.82
N ALA A 5 7.31 -4.18 -12.67
CA ALA A 5 6.45 -5.32 -12.41
C ALA A 5 6.49 -5.75 -10.94
N LYS A 6 6.98 -6.97 -10.66
CA LYS A 6 7.07 -7.49 -9.29
C LYS A 6 7.60 -6.43 -8.33
N GLU A 7 6.73 -5.81 -7.51
CA GLU A 7 7.22 -4.79 -6.60
C GLU A 7 6.51 -4.85 -5.24
N TYR A 8 7.31 -4.88 -4.18
CA TYR A 8 6.79 -4.91 -2.81
C TYR A 8 7.32 -3.72 -2.01
N CYS A 9 6.67 -3.41 -0.89
CA CYS A 9 7.08 -2.28 -0.06
C CYS A 9 7.03 -2.64 1.44
N ARG A 10 7.96 -2.06 2.20
CA ARG A 10 8.01 -2.30 3.64
C ARG A 10 7.43 -1.08 4.36
N THR A 11 6.51 -1.31 5.30
CA THR A 11 5.88 -0.22 6.03
C THR A 11 6.84 0.44 7.02
N LEU A 12 7.16 1.72 6.77
CA LEU A 12 8.05 2.46 7.64
C LEU A 12 7.33 2.92 8.92
N PHE A 13 5.99 2.95 8.88
CA PHE A 13 5.18 3.40 10.01
C PHE A 13 3.80 2.73 9.96
N PRO A 14 3.05 2.74 11.07
CA PRO A 14 1.71 2.13 11.13
C PRO A 14 0.63 3.04 10.54
N TYR A 15 -0.40 2.41 10.00
CA TYR A 15 -1.52 3.13 9.37
C TYR A 15 -2.84 2.41 9.64
N THR A 16 -3.83 3.16 10.13
CA THR A 16 -5.14 2.59 10.42
C THR A 16 -6.19 3.09 9.43
N GLY A 17 -6.97 2.17 8.89
CA GLY A 17 -8.01 2.54 7.94
C GLY A 17 -9.25 3.08 8.63
N THR A 18 -9.79 4.19 8.11
CA THR A 18 -10.98 4.82 8.69
C THR A 18 -12.25 4.30 8.03
N ASN A 19 -12.13 3.89 6.76
CA ASN A 19 -13.24 3.34 5.99
C ASN A 19 -12.89 1.94 5.48
N GLU A 20 -13.91 1.19 5.06
CA GLU A 20 -13.72 -0.18 4.58
C GLU A 20 -12.91 -0.23 3.27
N ASP A 21 -12.80 0.92 2.58
CA ASP A 21 -12.05 0.99 1.33
C ASP A 21 -10.57 1.33 1.59
N GLU A 22 -10.20 1.48 2.86
CA GLU A 22 -8.82 1.80 3.24
C GLU A 22 -8.16 0.59 3.90
N LEU A 23 -6.86 0.41 3.68
CA LEU A 23 -6.13 -0.72 4.26
C LEU A 23 -5.61 -0.37 5.66
N THR A 24 -5.35 -1.40 6.48
CA THR A 24 -4.84 -1.20 7.84
C THR A 24 -3.62 -2.08 8.08
N PHE A 25 -2.62 -1.54 8.77
CA PHE A 25 -1.40 -2.30 9.06
C PHE A 25 -0.53 -1.61 10.12
N ARG A 26 0.46 -2.34 10.63
CA ARG A 26 1.39 -1.79 11.62
C ARG A 26 2.77 -1.60 10.97
N GLU A 27 3.65 -0.84 11.62
CA GLU A 27 4.99 -0.60 11.09
C GLU A 27 5.81 -1.89 11.07
N GLY A 28 6.41 -2.18 9.91
CA GLY A 28 7.22 -3.39 9.78
C GLY A 28 6.41 -4.54 9.23
N GLU A 29 5.95 -4.40 7.98
CA GLU A 29 5.14 -5.42 7.32
C GLU A 29 5.16 -5.18 5.81
N ILE A 30 5.48 -6.22 5.04
CA ILE A 30 5.56 -6.08 3.59
C ILE A 30 4.20 -6.19 2.93
N ILE A 31 3.84 -5.15 2.18
CA ILE A 31 2.56 -5.08 1.48
C ILE A 31 2.75 -5.26 -0.03
N HIS A 32 1.82 -5.96 -0.65
CA HIS A 32 1.89 -6.22 -2.09
C HIS A 32 1.34 -5.01 -2.85
N LEU A 33 2.16 -4.46 -3.77
CA LEU A 33 1.73 -3.30 -4.53
C LEU A 33 0.95 -3.72 -5.77
N ILE A 34 -0.34 -3.41 -5.78
CA ILE A 34 -1.22 -3.77 -6.88
C ILE A 34 -1.31 -2.66 -7.92
N SER A 35 -1.55 -1.41 -7.47
CA SER A 35 -1.65 -0.27 -8.39
C SER A 35 -1.22 1.02 -7.71
N LYS A 36 -0.30 1.76 -8.34
CA LYS A 36 0.18 3.03 -7.77
C LYS A 36 -0.80 4.17 -8.07
N GLU A 37 -1.73 3.93 -9.02
CA GLU A 37 -2.73 4.94 -9.39
C GLU A 37 -4.13 4.41 -9.09
N THR A 38 -4.74 4.92 -8.03
CA THR A 38 -6.09 4.49 -7.63
C THR A 38 -7.16 5.52 -7.98
N GLY A 39 -6.76 6.61 -8.64
CA GLY A 39 -7.70 7.65 -9.01
C GLY A 39 -7.54 8.91 -8.18
N GLU A 40 -6.59 8.87 -7.24
CA GLU A 40 -6.29 10.00 -6.37
C GLU A 40 -4.78 10.22 -6.33
N ALA A 41 -4.35 11.48 -6.45
CA ALA A 41 -2.92 11.79 -6.43
C ALA A 41 -2.32 11.46 -5.06
N GLY A 42 -1.15 10.84 -5.07
CA GLY A 42 -0.49 10.47 -3.81
C GLY A 42 -1.13 9.27 -3.12
N TRP A 43 -1.98 8.52 -3.84
CA TRP A 43 -2.63 7.35 -3.26
C TRP A 43 -2.15 6.06 -3.93
N TRP A 44 -1.84 5.07 -3.10
CA TRP A 44 -1.36 3.78 -3.59
C TRP A 44 -2.30 2.65 -3.16
N LYS A 45 -2.33 1.57 -3.93
CA LYS A 45 -3.20 0.44 -3.63
C LYS A 45 -2.40 -0.84 -3.45
N GLY A 46 -2.71 -1.58 -2.39
CA GLY A 46 -2.03 -2.83 -2.10
C GLY A 46 -2.97 -3.87 -1.54
N GLU A 47 -2.46 -5.10 -1.43
CA GLU A 47 -3.24 -6.21 -0.91
C GLU A 47 -2.58 -6.79 0.34
N LEU A 48 -3.41 -6.99 1.37
CA LEU A 48 -2.93 -7.54 2.64
C LEU A 48 -4.08 -8.23 3.38
N ASN A 49 -3.88 -9.51 3.68
CA ASN A 49 -4.88 -10.31 4.38
C ASN A 49 -6.15 -10.50 3.52
N GLY A 50 -5.94 -10.72 2.22
CA GLY A 50 -7.05 -10.94 1.31
C GLY A 50 -7.86 -9.69 0.96
N LYS A 51 -7.44 -8.51 1.43
CA LYS A 51 -8.17 -7.28 1.13
C LYS A 51 -7.31 -6.26 0.39
N GLU A 52 -7.94 -5.52 -0.52
CA GLU A 52 -7.27 -4.48 -1.30
C GLU A 52 -7.74 -3.09 -0.84
N GLY A 53 -6.87 -2.07 -0.94
CA GLY A 53 -7.28 -0.73 -0.54
C GLY A 53 -6.28 0.36 -0.90
N VAL A 54 -6.74 1.61 -0.83
CA VAL A 54 -5.91 2.77 -1.17
C VAL A 54 -5.32 3.39 0.09
N PHE A 55 -4.23 4.15 -0.08
CA PHE A 55 -3.56 4.79 1.05
C PHE A 55 -2.26 5.52 0.65
N PRO A 56 -2.00 6.70 1.25
CA PRO A 56 -0.75 7.43 1.05
C PRO A 56 0.45 6.53 1.30
N ASP A 57 1.19 6.30 0.22
CA ASP A 57 2.38 5.43 0.20
C ASP A 57 3.54 5.92 1.09
N ASN A 58 3.33 6.94 1.94
CA ASN A 58 4.42 7.46 2.77
C ASN A 58 4.67 6.60 4.01
N PHE A 59 3.84 5.57 4.23
CA PHE A 59 4.01 4.70 5.39
C PHE A 59 4.70 3.38 4.97
N ALA A 60 5.18 3.32 3.72
CA ALA A 60 5.86 2.14 3.21
C ALA A 60 6.86 2.52 2.11
N VAL A 61 8.09 2.03 2.22
CA VAL A 61 9.12 2.30 1.21
C VAL A 61 9.20 1.14 0.22
N GLN A 62 9.33 1.46 -1.07
CA GLN A 62 9.44 0.42 -2.09
C GLN A 62 10.80 -0.26 -2.03
N ILE A 63 10.81 -1.59 -2.11
CA ILE A 63 12.07 -2.35 -2.08
C ILE A 63 12.90 -2.05 -3.31
N SER A 64 12.27 -2.12 -4.49
CA SER A 64 12.95 -1.86 -5.76
C SER A 64 11.95 -1.70 -6.90
N GLY A 1 8.28 3.42 -15.01
CA GLY A 1 7.17 3.71 -14.06
C GLY A 1 6.51 2.45 -13.52
N ALA A 2 5.18 2.46 -13.44
CA ALA A 2 4.45 1.30 -12.94
C ALA A 2 4.20 0.30 -14.07
N MET A 3 4.22 -1.00 -13.71
CA MET A 3 3.86 -2.08 -14.64
C MET A 3 4.13 -3.44 -14.00
N GLY A 4 3.07 -4.23 -13.83
CA GLY A 4 3.15 -5.56 -13.20
C GLY A 4 4.56 -6.13 -13.09
N ALA A 5 5.32 -5.75 -12.07
CA ALA A 5 6.68 -6.27 -11.90
C ALA A 5 6.84 -7.05 -10.58
N LYS A 6 5.73 -7.26 -9.85
CA LYS A 6 5.76 -8.00 -8.57
C LYS A 6 6.38 -7.12 -7.48
N GLU A 7 5.85 -5.90 -7.39
CA GLU A 7 6.36 -4.90 -6.45
C GLU A 7 5.79 -5.05 -5.05
N TYR A 8 6.69 -4.99 -4.07
CA TYR A 8 6.31 -5.10 -2.65
C TYR A 8 6.82 -3.86 -1.90
N CYS A 9 6.21 -3.55 -0.76
CA CYS A 9 6.64 -2.38 0.02
C CYS A 9 6.63 -2.67 1.53
N ARG A 10 7.59 -2.08 2.24
CA ARG A 10 7.69 -2.25 3.68
C ARG A 10 7.16 -1.01 4.41
N THR A 11 6.35 -1.23 5.44
CA THR A 11 5.78 -0.12 6.20
C THR A 11 6.81 0.48 7.16
N LEU A 12 6.74 1.81 7.34
CA LEU A 12 7.66 2.51 8.22
C LEU A 12 6.98 2.92 9.53
N PHE A 13 5.63 2.90 9.55
CA PHE A 13 4.86 3.30 10.73
C PHE A 13 3.46 2.70 10.66
N PRO A 14 2.78 2.52 11.81
CA PRO A 14 1.43 1.94 11.83
C PRO A 14 0.38 2.89 11.25
N TYR A 15 -0.43 2.35 10.35
CA TYR A 15 -1.49 3.10 9.68
C TYR A 15 -2.86 2.45 9.90
N THR A 16 -3.85 3.27 10.23
CA THR A 16 -5.20 2.76 10.47
C THR A 16 -6.15 3.18 9.35
N GLY A 17 -6.95 2.23 8.86
CA GLY A 17 -7.91 2.52 7.80
C GLY A 17 -9.18 3.14 8.35
N THR A 18 -9.65 4.22 7.71
CA THR A 18 -10.85 4.91 8.15
C THR A 18 -12.12 4.32 7.54
N ASN A 19 -11.99 3.80 6.30
CA ASN A 19 -13.10 3.20 5.58
C ASN A 19 -12.73 1.80 5.10
N GLU A 20 -13.74 1.03 4.67
CA GLU A 20 -13.52 -0.34 4.20
C GLU A 20 -12.65 -0.38 2.92
N ASP A 21 -12.46 0.76 2.27
CA ASP A 21 -11.64 0.82 1.06
C ASP A 21 -10.18 1.07 1.43
N GLU A 22 -9.95 1.66 2.62
CA GLU A 22 -8.60 1.93 3.09
C GLU A 22 -8.10 0.74 3.92
N LEU A 23 -6.82 0.39 3.77
CA LEU A 23 -6.24 -0.75 4.49
C LEU A 23 -5.71 -0.35 5.86
N THR A 24 -5.47 -1.34 6.72
CA THR A 24 -4.95 -1.09 8.08
C THR A 24 -3.76 -2.00 8.37
N PHE A 25 -2.77 -1.50 9.11
CA PHE A 25 -1.60 -2.30 9.44
C PHE A 25 -0.68 -1.58 10.45
N ARG A 26 0.30 -2.31 10.98
CA ARG A 26 1.25 -1.74 11.94
C ARG A 26 2.61 -1.58 11.25
N GLU A 27 3.55 -0.87 11.88
CA GLU A 27 4.87 -0.66 11.28
C GLU A 27 5.65 -1.96 11.14
N GLY A 28 6.34 -2.12 10.02
CA GLY A 28 7.11 -3.32 9.78
C GLY A 28 6.24 -4.45 9.28
N GLU A 29 5.88 -4.39 8.00
CA GLU A 29 5.02 -5.40 7.38
C GLU A 29 5.01 -5.21 5.86
N ILE A 30 5.37 -6.26 5.13
CA ILE A 30 5.44 -6.19 3.67
C ILE A 30 4.06 -6.33 3.03
N ILE A 31 3.71 -5.34 2.21
CA ILE A 31 2.42 -5.30 1.53
C ILE A 31 2.59 -5.55 0.04
N HIS A 32 1.59 -6.15 -0.59
CA HIS A 32 1.66 -6.43 -2.03
C HIS A 32 1.16 -5.22 -2.81
N LEU A 33 2.00 -4.72 -3.73
CA LEU A 33 1.65 -3.56 -4.53
C LEU A 33 0.81 -3.98 -5.74
N ILE A 34 -0.46 -3.62 -5.73
CA ILE A 34 -1.38 -4.00 -6.80
C ILE A 34 -1.44 -2.93 -7.90
N SER A 35 -1.60 -1.66 -7.52
CA SER A 35 -1.68 -0.58 -8.50
C SER A 35 -1.19 0.75 -7.93
N LYS A 36 -0.22 1.38 -8.61
CA LYS A 36 0.30 2.68 -8.16
C LYS A 36 -0.63 3.81 -8.58
N GLU A 37 -1.50 3.54 -9.56
CA GLU A 37 -2.47 4.52 -10.05
C GLU A 37 -3.87 4.03 -9.74
N THR A 38 -4.38 4.36 -8.57
CA THR A 38 -5.70 3.92 -8.15
C THR A 38 -6.76 5.03 -8.30
N GLY A 39 -6.36 6.18 -8.84
CA GLY A 39 -7.30 7.28 -9.04
C GLY A 39 -7.04 8.47 -8.13
N GLU A 40 -6.01 8.36 -7.29
CA GLU A 40 -5.64 9.45 -6.38
C GLU A 40 -4.12 9.65 -6.42
N ALA A 41 -3.68 10.89 -6.64
CA ALA A 41 -2.25 11.19 -6.69
C ALA A 41 -1.61 10.93 -5.33
N GLY A 42 -0.44 10.29 -5.34
CA GLY A 42 0.24 9.98 -4.09
C GLY A 42 -0.41 8.82 -3.34
N TRP A 43 -1.32 8.09 -3.99
CA TRP A 43 -1.99 6.96 -3.36
C TRP A 43 -1.66 5.66 -4.08
N TRP A 44 -1.45 4.61 -3.30
CA TRP A 44 -1.13 3.29 -3.83
C TRP A 44 -2.16 2.27 -3.35
N LYS A 45 -2.35 1.22 -4.15
CA LYS A 45 -3.29 0.17 -3.81
C LYS A 45 -2.53 -1.13 -3.57
N GLY A 46 -2.81 -1.78 -2.44
CA GLY A 46 -2.12 -3.02 -2.11
C GLY A 46 -3.01 -4.02 -1.41
N GLU A 47 -2.45 -5.19 -1.14
CA GLU A 47 -3.19 -6.26 -0.46
C GLU A 47 -2.43 -6.71 0.80
N LEU A 48 -3.17 -6.87 1.89
CA LEU A 48 -2.61 -7.30 3.16
C LEU A 48 -3.66 -8.03 4.00
N ASN A 49 -3.34 -9.26 4.40
CA ASN A 49 -4.25 -10.07 5.21
C ASN A 49 -5.57 -10.33 4.48
N GLY A 50 -5.47 -10.51 3.15
CA GLY A 50 -6.64 -10.79 2.34
C GLY A 50 -7.51 -9.59 2.02
N LYS A 51 -7.13 -8.39 2.48
CA LYS A 51 -7.91 -7.18 2.22
C LYS A 51 -7.20 -6.28 1.20
N GLU A 52 -7.97 -5.83 0.20
CA GLU A 52 -7.43 -4.94 -0.84
C GLU A 52 -7.95 -3.52 -0.65
N GLY A 53 -7.09 -2.52 -0.91
CA GLY A 53 -7.52 -1.14 -0.76
C GLY A 53 -6.47 -0.11 -1.12
N VAL A 54 -6.85 1.16 -1.09
CA VAL A 54 -5.96 2.27 -1.42
C VAL A 54 -5.35 2.87 -0.17
N PHE A 55 -4.29 3.66 -0.35
CA PHE A 55 -3.59 4.30 0.77
C PHE A 55 -2.33 5.04 0.33
N PRO A 56 -2.11 6.27 0.86
CA PRO A 56 -0.88 7.03 0.63
C PRO A 56 0.32 6.17 0.92
N ASP A 57 1.43 6.47 0.24
CA ASP A 57 2.63 5.68 0.34
C ASP A 57 3.72 6.29 1.22
N ASN A 58 3.39 7.24 2.12
CA ASN A 58 4.42 7.86 2.96
C ASN A 58 4.70 7.05 4.22
N PHE A 59 3.85 6.06 4.51
CA PHE A 59 4.03 5.22 5.69
C PHE A 59 4.72 3.90 5.32
N ALA A 60 5.20 3.80 4.07
CA ALA A 60 5.89 2.59 3.62
C ALA A 60 6.94 2.94 2.55
N VAL A 61 7.99 2.12 2.47
CA VAL A 61 9.06 2.32 1.49
C VAL A 61 9.17 1.11 0.59
N GLN A 62 9.31 1.35 -0.71
CA GLN A 62 9.48 0.29 -1.70
C GLN A 62 10.94 -0.15 -1.75
N ILE A 63 11.18 -1.46 -1.72
CA ILE A 63 12.55 -1.99 -1.75
C ILE A 63 13.25 -1.62 -3.06
N SER A 64 12.52 -1.77 -4.18
CA SER A 64 13.08 -1.46 -5.50
C SER A 64 11.98 -1.05 -6.46
N GLY A 1 9.36 4.52 -12.94
CA GLY A 1 7.96 4.23 -13.40
C GLY A 1 7.54 2.80 -13.10
N ALA A 2 6.22 2.58 -13.01
CA ALA A 2 5.70 1.25 -12.72
C ALA A 2 5.54 0.42 -14.00
N MET A 3 5.74 -0.89 -13.89
CA MET A 3 5.49 -1.79 -15.01
C MET A 3 5.59 -3.25 -14.54
N GLY A 4 4.50 -4.01 -14.67
CA GLY A 4 4.45 -5.41 -14.21
C GLY A 4 5.80 -6.08 -14.00
N ALA A 5 6.46 -5.80 -12.86
CA ALA A 5 7.76 -6.43 -12.59
C ALA A 5 7.77 -7.20 -11.25
N LYS A 6 6.59 -7.36 -10.62
CA LYS A 6 6.51 -8.10 -9.34
C LYS A 6 7.09 -7.23 -8.23
N GLU A 7 6.35 -6.18 -7.85
CA GLU A 7 6.83 -5.23 -6.84
C GLU A 7 6.07 -5.30 -5.52
N TYR A 8 6.85 -5.28 -4.43
CA TYR A 8 6.32 -5.29 -3.07
C TYR A 8 6.82 -4.06 -2.31
N CYS A 9 6.18 -3.71 -1.20
CA CYS A 9 6.58 -2.55 -0.41
C CYS A 9 6.60 -2.85 1.08
N ARG A 10 7.51 -2.20 1.80
CA ARG A 10 7.64 -2.39 3.25
C ARG A 10 7.13 -1.15 4.00
N THR A 11 6.38 -1.38 5.08
CA THR A 11 5.84 -0.27 5.87
C THR A 11 6.87 0.31 6.82
N LEU A 12 6.93 1.65 6.88
CA LEU A 12 7.86 2.35 7.76
C LEU A 12 7.17 2.91 9.01
N PHE A 13 5.83 2.99 8.98
CA PHE A 13 5.06 3.52 10.11
C PHE A 13 3.67 2.89 10.17
N PRO A 14 2.98 2.99 11.34
CA PRO A 14 1.65 2.41 11.51
C PRO A 14 0.55 3.29 10.90
N TYR A 15 -0.40 2.64 10.25
CA TYR A 15 -1.52 3.35 9.59
C TYR A 15 -2.85 2.68 9.91
N THR A 16 -3.81 3.50 10.35
CA THR A 16 -5.15 3.01 10.69
C THR A 16 -6.15 3.47 9.63
N GLY A 17 -6.89 2.50 9.06
CA GLY A 17 -7.87 2.84 8.04
C GLY A 17 -9.10 3.51 8.62
N THR A 18 -9.52 4.62 8.00
CA THR A 18 -10.69 5.36 8.47
C THR A 18 -11.97 4.87 7.78
N ASN A 19 -11.79 4.41 6.53
CA ASN A 19 -12.89 3.88 5.72
C ASN A 19 -12.72 2.38 5.54
N GLU A 20 -13.81 1.70 5.16
CA GLU A 20 -13.78 0.25 4.96
C GLU A 20 -12.93 -0.13 3.73
N ASP A 21 -12.71 0.84 2.83
CA ASP A 21 -11.91 0.61 1.63
C ASP A 21 -10.43 0.95 1.86
N GLU A 22 -10.06 1.21 3.13
CA GLU A 22 -8.68 1.53 3.48
C GLU A 22 -7.98 0.32 4.08
N LEU A 23 -6.71 0.14 3.73
CA LEU A 23 -5.93 -1.00 4.23
C LEU A 23 -5.24 -0.68 5.56
N THR A 24 -5.80 -1.16 6.68
CA THR A 24 -5.20 -0.90 7.99
C THR A 24 -3.99 -1.81 8.22
N PHE A 25 -2.97 -1.28 8.92
CA PHE A 25 -1.76 -2.04 9.22
C PHE A 25 -0.88 -1.32 10.25
N ARG A 26 0.04 -2.05 10.87
CA ARG A 26 0.96 -1.46 11.84
C ARG A 26 2.34 -1.36 11.21
N GLU A 27 3.26 -0.62 11.86
CA GLU A 27 4.61 -0.47 11.32
C GLU A 27 5.36 -1.80 11.30
N GLY A 28 5.98 -2.10 10.16
CA GLY A 28 6.72 -3.35 10.02
C GLY A 28 5.84 -4.48 9.53
N GLU A 29 5.45 -4.41 8.25
CA GLU A 29 4.59 -5.43 7.63
C GLU A 29 4.69 -5.31 6.11
N ILE A 30 5.05 -6.39 5.42
CA ILE A 30 5.21 -6.37 3.97
C ILE A 30 3.85 -6.45 3.26
N ILE A 31 3.60 -5.45 2.42
CA ILE A 31 2.36 -5.37 1.66
C ILE A 31 2.60 -5.64 0.19
N HIS A 32 1.61 -6.20 -0.49
CA HIS A 32 1.73 -6.49 -1.92
C HIS A 32 1.32 -5.27 -2.73
N LEU A 33 2.23 -4.76 -3.57
CA LEU A 33 1.94 -3.58 -4.36
C LEU A 33 1.15 -3.95 -5.61
N ILE A 34 -0.13 -3.59 -5.62
CA ILE A 34 -1.01 -3.91 -6.74
C ILE A 34 -1.05 -2.80 -7.79
N SER A 35 -1.21 -1.55 -7.35
CA SER A 35 -1.27 -0.42 -8.28
C SER A 35 -0.80 0.88 -7.64
N LYS A 36 0.18 1.54 -8.27
CA LYS A 36 0.69 2.81 -7.77
C LYS A 36 -0.24 3.97 -8.19
N GLU A 37 -1.10 3.71 -9.17
CA GLU A 37 -2.06 4.69 -9.65
C GLU A 37 -3.48 4.21 -9.37
N THR A 38 -3.99 4.52 -8.18
CA THR A 38 -5.33 4.08 -7.78
C THR A 38 -6.41 5.11 -8.13
N GLY A 39 -6.02 6.18 -8.82
CA GLY A 39 -6.97 7.21 -9.20
C GLY A 39 -6.78 8.50 -8.42
N GLU A 40 -5.86 8.46 -7.44
CA GLU A 40 -5.53 9.61 -6.62
C GLU A 40 -4.01 9.70 -6.48
N ALA A 41 -3.46 10.91 -6.66
CA ALA A 41 -2.02 11.09 -6.56
C ALA A 41 -1.52 10.76 -5.16
N GLY A 42 -0.42 10.02 -5.10
CA GLY A 42 0.15 9.63 -3.82
C GLY A 42 -0.58 8.47 -3.13
N TRP A 43 -1.56 7.87 -3.81
CA TRP A 43 -2.31 6.76 -3.22
C TRP A 43 -1.94 5.44 -3.89
N TRP A 44 -1.72 4.42 -3.07
CA TRP A 44 -1.36 3.09 -3.57
C TRP A 44 -2.38 2.05 -3.12
N LYS A 45 -2.45 0.94 -3.86
CA LYS A 45 -3.39 -0.13 -3.54
C LYS A 45 -2.61 -1.43 -3.30
N GLY A 46 -2.90 -2.07 -2.18
CA GLY A 46 -2.21 -3.30 -1.84
C GLY A 46 -3.11 -4.31 -1.16
N GLU A 47 -2.53 -5.47 -0.83
CA GLU A 47 -3.27 -6.54 -0.17
C GLU A 47 -2.57 -6.97 1.13
N LEU A 48 -3.35 -7.10 2.20
CA LEU A 48 -2.83 -7.51 3.50
C LEU A 48 -3.96 -8.10 4.34
N ASN A 49 -3.74 -9.32 4.86
CA ASN A 49 -4.73 -10.01 5.68
C ASN A 49 -6.00 -10.29 4.87
N GLY A 50 -5.80 -10.66 3.60
CA GLY A 50 -6.91 -10.98 2.72
C GLY A 50 -7.77 -9.79 2.33
N LYS A 51 -7.36 -8.57 2.71
CA LYS A 51 -8.13 -7.38 2.39
C LYS A 51 -7.40 -6.49 1.38
N GLU A 52 -8.15 -6.07 0.36
CA GLU A 52 -7.62 -5.20 -0.69
C GLU A 52 -8.15 -3.78 -0.53
N GLY A 53 -7.31 -2.77 -0.78
CA GLY A 53 -7.76 -1.39 -0.64
C GLY A 53 -6.71 -0.35 -0.99
N VAL A 54 -7.13 0.91 -0.96
CA VAL A 54 -6.25 2.04 -1.29
C VAL A 54 -5.70 2.69 -0.01
N PHE A 55 -4.65 3.49 -0.18
CA PHE A 55 -4.01 4.16 0.96
C PHE A 55 -2.75 4.93 0.57
N PRO A 56 -2.57 6.16 1.10
CA PRO A 56 -1.35 6.94 0.91
C PRO A 56 -0.15 6.09 1.23
N ASP A 57 0.97 6.40 0.56
CA ASP A 57 2.18 5.60 0.67
C ASP A 57 3.24 6.20 1.59
N ASN A 58 2.88 7.13 2.50
CA ASN A 58 3.88 7.74 3.38
C ASN A 58 4.27 6.80 4.54
N PHE A 59 3.53 5.69 4.69
CA PHE A 59 3.82 4.74 5.75
C PHE A 59 4.48 3.47 5.20
N ALA A 60 4.83 3.49 3.90
CA ALA A 60 5.50 2.34 3.27
C ALA A 60 6.42 2.80 2.14
N VAL A 61 7.50 2.06 1.92
CA VAL A 61 8.47 2.38 0.86
C VAL A 61 8.56 1.23 -0.15
N GLN A 62 8.65 1.59 -1.43
CA GLN A 62 8.79 0.61 -2.50
C GLN A 62 10.26 0.23 -2.67
N ILE A 63 10.53 -1.08 -2.81
CA ILE A 63 11.90 -1.57 -2.96
C ILE A 63 12.46 -1.20 -4.34
N SER A 64 11.77 -1.66 -5.41
CA SER A 64 12.21 -1.41 -6.77
C SER A 64 11.09 -1.68 -7.78
N GLY A 1 2.47 4.96 -18.78
CA GLY A 1 1.66 4.51 -17.61
C GLY A 1 2.51 3.90 -16.51
N ALA A 2 2.00 2.86 -15.87
CA ALA A 2 2.73 2.19 -14.80
C ALA A 2 2.48 0.68 -14.80
N MET A 3 3.39 -0.08 -15.43
CA MET A 3 3.21 -1.53 -15.53
C MET A 3 3.96 -2.29 -14.45
N GLY A 4 3.17 -3.06 -13.67
CA GLY A 4 3.69 -3.89 -12.59
C GLY A 4 5.12 -4.39 -12.78
N ALA A 5 5.98 -4.17 -11.79
CA ALA A 5 7.37 -4.65 -11.88
C ALA A 5 7.68 -5.67 -10.78
N LYS A 6 6.62 -6.23 -10.15
CA LYS A 6 6.80 -7.21 -9.08
C LYS A 6 7.42 -6.49 -7.88
N GLU A 7 6.64 -5.56 -7.33
CA GLU A 7 7.08 -4.71 -6.23
C GLU A 7 6.40 -5.01 -4.91
N TYR A 8 7.22 -5.06 -3.86
CA TYR A 8 6.76 -5.26 -2.50
C TYR A 8 7.26 -4.07 -1.66
N CYS A 9 6.67 -3.85 -0.48
CA CYS A 9 7.11 -2.73 0.34
C CYS A 9 7.04 -3.03 1.83
N ARG A 10 8.00 -2.47 2.57
CA ARG A 10 8.08 -2.65 4.01
C ARG A 10 7.50 -1.42 4.70
N THR A 11 6.57 -1.63 5.64
CA THR A 11 5.93 -0.52 6.33
C THR A 11 6.85 0.09 7.39
N LEU A 12 7.15 1.37 7.22
CA LEU A 12 8.01 2.09 8.15
C LEU A 12 7.17 2.80 9.22
N PHE A 13 5.85 2.91 8.98
CA PHE A 13 4.94 3.59 9.92
C PHE A 13 3.56 2.93 9.87
N PRO A 14 2.75 3.09 10.95
CA PRO A 14 1.41 2.53 11.02
C PRO A 14 0.35 3.44 10.38
N TYR A 15 -0.73 2.82 9.88
CA TYR A 15 -1.81 3.56 9.23
C TYR A 15 -3.16 2.91 9.53
N THR A 16 -4.12 3.73 9.96
CA THR A 16 -5.47 3.24 10.26
C THR A 16 -6.47 3.75 9.22
N GLY A 17 -7.31 2.85 8.71
CA GLY A 17 -8.29 3.22 7.71
C GLY A 17 -9.63 3.65 8.30
N THR A 18 -10.36 4.47 7.55
CA THR A 18 -11.65 4.98 8.01
C THR A 18 -12.82 4.46 7.16
N ASN A 19 -12.54 3.51 6.26
CA ASN A 19 -13.57 2.94 5.39
C ASN A 19 -13.32 1.44 5.16
N GLU A 20 -14.35 0.74 4.70
CA GLU A 20 -14.25 -0.71 4.44
C GLU A 20 -13.36 -1.00 3.22
N ASP A 21 -13.06 0.03 2.42
CA ASP A 21 -12.22 -0.14 1.24
C ASP A 21 -10.76 0.21 1.55
N GLU A 22 -10.58 1.20 2.42
CA GLU A 22 -9.26 1.66 2.82
C GLU A 22 -8.55 0.61 3.67
N LEU A 23 -7.23 0.48 3.49
CA LEU A 23 -6.46 -0.51 4.22
C LEU A 23 -6.03 -0.01 5.60
N THR A 24 -5.89 -0.94 6.55
CA THR A 24 -5.47 -0.61 7.91
C THR A 24 -4.32 -1.53 8.30
N PHE A 25 -3.20 -0.96 8.77
CA PHE A 25 -2.05 -1.74 9.17
C PHE A 25 -1.20 -1.01 10.20
N ARG A 26 -0.33 -1.75 10.89
CA ARG A 26 0.58 -1.17 11.87
C ARG A 26 2.01 -1.20 11.34
N GLU A 27 2.91 -0.45 11.98
CA GLU A 27 4.31 -0.40 11.54
C GLU A 27 4.96 -1.77 11.66
N GLY A 28 5.80 -2.11 10.67
CA GLY A 28 6.45 -3.40 10.65
C GLY A 28 5.54 -4.48 10.09
N GLU A 29 5.45 -4.54 8.76
CA GLU A 29 4.59 -5.50 8.07
C GLU A 29 4.77 -5.35 6.56
N ILE A 30 5.04 -6.45 5.87
CA ILE A 30 5.25 -6.41 4.42
C ILE A 30 3.93 -6.56 3.67
N ILE A 31 3.67 -5.61 2.77
CA ILE A 31 2.44 -5.60 1.99
C ILE A 31 2.73 -5.89 0.52
N HIS A 32 1.73 -6.42 -0.19
CA HIS A 32 1.89 -6.72 -1.61
C HIS A 32 1.43 -5.53 -2.44
N LEU A 33 2.34 -4.99 -3.27
CA LEU A 33 2.02 -3.81 -4.09
C LEU A 33 1.30 -4.24 -5.37
N ILE A 34 0.05 -3.80 -5.49
CA ILE A 34 -0.79 -4.12 -6.65
C ILE A 34 -0.65 -3.05 -7.74
N SER A 35 -0.78 -1.78 -7.35
CA SER A 35 -0.67 -0.67 -8.31
C SER A 35 -0.23 0.62 -7.61
N LYS A 36 0.74 1.32 -8.22
CA LYS A 36 1.23 2.58 -7.65
C LYS A 36 0.35 3.77 -8.07
N GLU A 37 -0.51 3.56 -9.07
CA GLU A 37 -1.41 4.59 -9.55
C GLU A 37 -2.86 4.16 -9.31
N THR A 38 -3.39 4.45 -8.12
CA THR A 38 -4.74 4.05 -7.77
C THR A 38 -5.79 5.10 -8.17
N GLY A 39 -5.36 6.16 -8.85
CA GLY A 39 -6.28 7.22 -9.25
C GLY A 39 -6.02 8.54 -8.54
N GLU A 40 -5.24 8.46 -7.45
CA GLU A 40 -4.87 9.62 -6.65
C GLU A 40 -3.36 9.62 -6.46
N ALA A 41 -2.70 10.73 -6.83
CA ALA A 41 -1.25 10.83 -6.70
C ALA A 41 -0.81 10.53 -5.27
N GLY A 42 0.29 9.79 -5.13
CA GLY A 42 0.79 9.43 -3.81
C GLY A 42 -0.02 8.34 -3.14
N TRP A 43 -0.89 7.66 -3.88
CA TRP A 43 -1.70 6.57 -3.32
C TRP A 43 -1.37 5.25 -4.01
N TRP A 44 -1.21 4.21 -3.21
CA TRP A 44 -0.89 2.88 -3.72
C TRP A 44 -1.97 1.88 -3.33
N LYS A 45 -1.99 0.74 -4.00
CA LYS A 45 -2.98 -0.30 -3.70
C LYS A 45 -2.27 -1.61 -3.40
N GLY A 46 -2.61 -2.20 -2.26
CA GLY A 46 -1.97 -3.45 -1.87
C GLY A 46 -2.91 -4.41 -1.17
N GLU A 47 -2.37 -5.56 -0.79
CA GLU A 47 -3.15 -6.58 -0.09
C GLU A 47 -2.52 -6.89 1.27
N LEU A 48 -3.35 -6.85 2.31
CA LEU A 48 -2.89 -7.08 3.68
C LEU A 48 -3.84 -8.02 4.43
N ASN A 49 -3.39 -9.25 4.72
CA ASN A 49 -4.24 -10.19 5.46
C ASN A 49 -5.63 -10.33 4.82
N GLY A 50 -5.67 -10.33 3.48
CA GLY A 50 -6.92 -10.52 2.78
C GLY A 50 -7.66 -9.26 2.40
N LYS A 51 -7.25 -8.08 2.89
CA LYS A 51 -7.95 -6.84 2.56
C LYS A 51 -7.19 -6.04 1.51
N GLU A 52 -7.90 -5.67 0.45
CA GLU A 52 -7.32 -4.89 -0.64
C GLU A 52 -7.83 -3.45 -0.61
N GLY A 53 -6.95 -2.49 -0.89
CA GLY A 53 -7.37 -1.10 -0.87
C GLY A 53 -6.23 -0.13 -1.12
N VAL A 54 -6.55 1.17 -1.10
CA VAL A 54 -5.54 2.20 -1.32
C VAL A 54 -4.90 2.60 0.02
N PHE A 55 -3.60 2.93 -0.03
CA PHE A 55 -2.88 3.31 1.19
C PHE A 55 -1.94 4.50 0.99
N PRO A 56 -1.73 5.26 2.09
CA PRO A 56 -0.94 6.48 2.18
C PRO A 56 0.25 6.63 1.21
N ASP A 57 1.06 5.55 1.14
CA ASP A 57 2.28 5.47 0.32
C ASP A 57 3.53 5.90 1.10
N ASN A 58 3.39 6.94 1.93
CA ASN A 58 4.50 7.46 2.73
C ASN A 58 4.83 6.60 3.96
N PHE A 59 4.02 5.56 4.22
CA PHE A 59 4.24 4.69 5.36
C PHE A 59 4.94 3.38 4.99
N ALA A 60 5.43 3.26 3.76
CA ALA A 60 6.13 2.05 3.33
C ALA A 60 7.26 2.38 2.35
N VAL A 61 8.29 1.55 2.35
CA VAL A 61 9.45 1.73 1.47
C VAL A 61 9.53 0.60 0.46
N GLN A 62 9.67 0.96 -0.82
CA GLN A 62 9.82 -0.01 -1.90
C GLN A 62 11.30 -0.37 -2.07
N ILE A 63 11.59 -1.67 -2.18
CA ILE A 63 12.98 -2.13 -2.35
C ILE A 63 13.65 -1.44 -3.55
N SER A 64 12.88 -1.25 -4.63
CA SER A 64 13.42 -0.61 -5.83
C SER A 64 13.48 0.92 -5.65
N GLY A 1 6.05 5.53 -11.87
CA GLY A 1 6.70 4.47 -12.68
C GLY A 1 6.26 3.07 -12.27
N ALA A 2 4.99 2.75 -12.51
CA ALA A 2 4.45 1.44 -12.16
C ALA A 2 4.25 0.57 -13.41
N MET A 3 4.39 -0.74 -13.24
CA MET A 3 4.09 -1.69 -14.30
C MET A 3 4.30 -3.12 -13.79
N GLY A 4 3.21 -3.93 -13.80
CA GLY A 4 3.25 -5.31 -13.29
C GLY A 4 4.63 -5.92 -13.13
N ALA A 5 5.35 -5.60 -12.05
CA ALA A 5 6.67 -6.17 -11.83
C ALA A 5 6.77 -6.93 -10.50
N LYS A 6 5.64 -7.10 -9.80
CA LYS A 6 5.62 -7.81 -8.52
C LYS A 6 6.21 -6.91 -7.42
N GLU A 7 5.69 -5.69 -7.37
CA GLU A 7 6.18 -4.67 -6.44
C GLU A 7 5.73 -4.93 -5.00
N TYR A 8 6.69 -4.80 -4.08
CA TYR A 8 6.44 -4.97 -2.66
C TYR A 8 6.92 -3.73 -1.90
N CYS A 9 6.37 -3.49 -0.71
CA CYS A 9 6.78 -2.32 0.08
C CYS A 9 6.80 -2.62 1.58
N ARG A 10 7.75 -2.00 2.28
CA ARG A 10 7.89 -2.17 3.72
C ARG A 10 7.34 -0.93 4.43
N THR A 11 6.48 -1.14 5.42
CA THR A 11 5.87 -0.03 6.14
C THR A 11 6.85 0.61 7.13
N LEU A 12 7.07 1.92 6.97
CA LEU A 12 7.98 2.66 7.85
C LEU A 12 7.26 3.10 9.13
N PHE A 13 5.92 3.08 9.14
CA PHE A 13 5.12 3.49 10.29
C PHE A 13 3.73 2.86 10.23
N PRO A 14 3.06 2.70 11.38
CA PRO A 14 1.72 2.09 11.44
C PRO A 14 0.63 3.02 10.92
N TYR A 15 -0.26 2.45 10.11
CA TYR A 15 -1.37 3.18 9.52
C TYR A 15 -2.69 2.48 9.85
N THR A 16 -3.66 3.23 10.38
CA THR A 16 -4.95 2.66 10.75
C THR A 16 -6.04 3.13 9.78
N GLY A 17 -6.84 2.18 9.31
CA GLY A 17 -7.92 2.51 8.39
C GLY A 17 -9.19 2.92 9.11
N THR A 18 -9.95 3.82 8.50
CA THR A 18 -11.20 4.31 9.09
C THR A 18 -12.43 3.67 8.43
N ASN A 19 -12.20 2.94 7.33
CA ASN A 19 -13.27 2.27 6.61
C ASN A 19 -12.75 0.94 6.06
N GLU A 20 -13.65 0.01 5.76
CA GLU A 20 -13.25 -1.29 5.22
C GLU A 20 -12.35 -1.09 3.99
N ASP A 21 -12.91 -0.46 2.96
CA ASP A 21 -12.15 -0.17 1.72
C ASP A 21 -10.70 0.21 1.99
N GLU A 22 -10.49 1.13 2.94
CA GLU A 22 -9.15 1.60 3.29
C GLU A 22 -8.35 0.48 3.97
N LEU A 23 -7.07 0.37 3.63
CA LEU A 23 -6.22 -0.67 4.21
C LEU A 23 -5.67 -0.27 5.57
N THR A 24 -5.39 -1.27 6.42
CA THR A 24 -4.85 -1.03 7.76
C THR A 24 -3.63 -1.92 8.00
N PHE A 25 -2.62 -1.39 8.69
CA PHE A 25 -1.41 -2.18 8.97
C PHE A 25 -0.49 -1.48 9.98
N ARG A 26 0.50 -2.21 10.47
CA ARG A 26 1.47 -1.67 11.44
C ARG A 26 2.83 -1.53 10.76
N GLU A 27 3.80 -0.91 11.44
CA GLU A 27 5.13 -0.72 10.88
C GLU A 27 5.94 -2.01 10.88
N GLY A 28 6.77 -2.20 9.85
CA GLY A 28 7.59 -3.40 9.74
C GLY A 28 6.90 -4.52 9.00
N GLU A 29 5.71 -4.26 8.46
CA GLU A 29 4.95 -5.27 7.72
C GLU A 29 5.02 -5.03 6.21
N ILE A 30 5.35 -6.07 5.46
CA ILE A 30 5.47 -5.98 4.01
C ILE A 30 4.11 -6.17 3.35
N ILE A 31 3.75 -5.18 2.53
CA ILE A 31 2.47 -5.18 1.83
C ILE A 31 2.66 -5.46 0.34
N HIS A 32 1.70 -6.16 -0.25
CA HIS A 32 1.77 -6.48 -1.68
C HIS A 32 1.23 -5.31 -2.49
N LEU A 33 2.06 -4.78 -3.39
CA LEU A 33 1.66 -3.64 -4.21
C LEU A 33 0.87 -4.12 -5.42
N ILE A 34 -0.42 -3.81 -5.42
CA ILE A 34 -1.32 -4.23 -6.50
C ILE A 34 -1.39 -3.20 -7.62
N SER A 35 -1.60 -1.93 -7.26
CA SER A 35 -1.69 -0.87 -8.27
C SER A 35 -1.18 0.47 -7.75
N LYS A 36 -0.09 0.97 -8.34
CA LYS A 36 0.47 2.26 -7.95
C LYS A 36 -0.37 3.41 -8.53
N GLU A 37 -1.18 3.11 -9.54
CA GLU A 37 -2.05 4.07 -10.19
C GLU A 37 -3.50 3.69 -9.93
N THR A 38 -4.11 4.30 -8.90
CA THR A 38 -5.50 3.99 -8.55
C THR A 38 -6.49 5.07 -9.01
N GLY A 39 -5.97 6.10 -9.69
CA GLY A 39 -6.82 7.19 -10.15
C GLY A 39 -6.64 8.46 -9.33
N GLU A 40 -5.72 8.40 -8.34
CA GLU A 40 -5.43 9.54 -7.48
C GLU A 40 -3.91 9.63 -7.31
N ALA A 41 -3.37 10.85 -7.44
CA ALA A 41 -1.93 11.06 -7.31
C ALA A 41 -1.49 10.90 -5.85
N GLY A 42 -0.37 10.19 -5.65
CA GLY A 42 0.13 9.97 -4.30
C GLY A 42 -0.55 8.81 -3.58
N TRP A 43 -1.56 8.19 -4.21
CA TRP A 43 -2.28 7.09 -3.60
C TRP A 43 -1.92 5.77 -4.26
N TRP A 44 -1.69 4.74 -3.43
CA TRP A 44 -1.33 3.42 -3.92
C TRP A 44 -2.34 2.39 -3.45
N LYS A 45 -2.43 1.28 -4.17
CA LYS A 45 -3.37 0.21 -3.82
C LYS A 45 -2.59 -1.08 -3.57
N GLY A 46 -2.86 -1.69 -2.44
CA GLY A 46 -2.19 -2.93 -2.09
C GLY A 46 -3.12 -3.92 -1.42
N GLU A 47 -2.60 -5.11 -1.13
CA GLU A 47 -3.37 -6.16 -0.48
C GLU A 47 -2.72 -6.62 0.81
N LEU A 48 -3.55 -6.74 1.84
CA LEU A 48 -3.10 -7.20 3.15
C LEU A 48 -4.27 -7.87 3.88
N ASN A 49 -4.08 -9.15 4.19
CA ASN A 49 -5.11 -9.92 4.87
C ASN A 49 -6.34 -10.08 3.98
N GLY A 50 -6.12 -10.28 2.67
CA GLY A 50 -7.20 -10.47 1.73
C GLY A 50 -8.01 -9.22 1.41
N LYS A 51 -7.59 -8.04 1.85
CA LYS A 51 -8.33 -6.80 1.57
C LYS A 51 -7.53 -5.86 0.66
N GLU A 52 -8.23 -5.27 -0.32
CA GLU A 52 -7.62 -4.33 -1.26
C GLU A 52 -8.09 -2.91 -0.95
N GLY A 53 -7.19 -1.93 -1.08
CA GLY A 53 -7.58 -0.55 -0.81
C GLY A 53 -6.51 0.47 -1.17
N VAL A 54 -6.90 1.74 -1.13
CA VAL A 54 -5.99 2.85 -1.47
C VAL A 54 -5.34 3.39 -0.20
N PHE A 55 -4.25 4.14 -0.37
CA PHE A 55 -3.53 4.72 0.76
C PHE A 55 -2.23 5.43 0.35
N PRO A 56 -2.01 6.67 0.85
CA PRO A 56 -0.77 7.40 0.64
C PRO A 56 0.43 6.53 1.01
N ASP A 57 1.23 6.23 -0.02
CA ASP A 57 2.42 5.39 0.09
C ASP A 57 3.53 5.97 0.98
N ASN A 58 3.26 6.99 1.80
CA ASN A 58 4.32 7.59 2.63
C ASN A 58 4.60 6.77 3.89
N PHE A 59 3.75 5.80 4.21
CA PHE A 59 3.96 4.96 5.39
C PHE A 59 4.64 3.64 5.02
N ALA A 60 5.10 3.54 3.77
CA ALA A 60 5.78 2.33 3.30
C ALA A 60 6.79 2.65 2.20
N VAL A 61 8.02 2.15 2.35
CA VAL A 61 9.06 2.37 1.34
C VAL A 61 9.19 1.12 0.48
N GLN A 62 9.43 1.31 -0.82
CA GLN A 62 9.61 0.18 -1.73
C GLN A 62 11.01 -0.40 -1.58
N ILE A 63 11.10 -1.72 -1.42
CA ILE A 63 12.39 -2.39 -1.25
C ILE A 63 13.32 -2.12 -2.43
N SER A 64 12.77 -2.13 -3.65
CA SER A 64 13.55 -1.90 -4.86
C SER A 64 12.66 -1.92 -6.10
N GLY A 1 1.96 -2.18 -10.86
CA GLY A 1 2.34 -2.18 -12.30
C GLY A 1 3.27 -1.03 -12.67
N ALA A 2 2.91 -0.31 -13.74
CA ALA A 2 3.70 0.83 -14.20
C ALA A 2 5.08 0.41 -14.74
N MET A 3 6.10 0.28 -13.89
CA MET A 3 7.42 -0.12 -14.39
C MET A 3 7.89 -1.46 -13.80
N GLY A 4 6.97 -2.39 -13.53
CA GLY A 4 7.38 -3.68 -12.99
C GLY A 4 6.23 -4.62 -12.71
N ALA A 5 6.57 -5.91 -12.52
CA ALA A 5 5.58 -6.96 -12.30
C ALA A 5 5.48 -7.37 -10.83
N LYS A 6 6.57 -7.23 -10.08
CA LYS A 6 6.59 -7.59 -8.66
C LYS A 6 7.06 -6.39 -7.85
N GLU A 7 6.16 -5.69 -7.15
CA GLU A 7 6.60 -4.54 -6.38
C GLU A 7 6.06 -4.58 -4.95
N TYR A 8 6.95 -4.43 -3.98
CA TYR A 8 6.55 -4.45 -2.57
C TYR A 8 7.09 -3.25 -1.80
N CYS A 9 6.43 -2.93 -0.68
CA CYS A 9 6.85 -1.82 0.17
C CYS A 9 6.84 -2.22 1.64
N ARG A 10 7.80 -1.70 2.40
CA ARG A 10 7.89 -2.00 3.83
C ARG A 10 7.30 -0.85 4.63
N THR A 11 6.42 -1.18 5.58
CA THR A 11 5.78 -0.17 6.40
C THR A 11 6.75 0.41 7.44
N LEU A 12 7.06 1.69 7.29
CA LEU A 12 7.97 2.37 8.23
C LEU A 12 7.22 2.75 9.52
N PHE A 13 5.88 2.74 9.47
CA PHE A 13 5.05 3.09 10.63
C PHE A 13 3.66 2.45 10.48
N PRO A 14 2.92 2.29 11.59
CA PRO A 14 1.58 1.68 11.55
C PRO A 14 0.51 2.65 11.07
N TYR A 15 -0.56 2.08 10.51
CA TYR A 15 -1.69 2.85 10.00
C TYR A 15 -3.00 2.11 10.23
N THR A 16 -3.99 2.80 10.80
CA THR A 16 -5.30 2.20 11.06
C THR A 16 -6.36 2.80 10.15
N GLY A 17 -7.08 1.94 9.42
CA GLY A 17 -8.12 2.41 8.52
C GLY A 17 -9.41 2.72 9.25
N THR A 18 -10.22 3.61 8.67
CA THR A 18 -11.48 4.01 9.28
C THR A 18 -12.70 3.48 8.53
N ASN A 19 -12.46 2.83 7.37
CA ASN A 19 -13.54 2.28 6.55
C ASN A 19 -13.11 0.98 5.88
N GLU A 20 -14.06 0.28 5.25
CA GLU A 20 -13.75 -0.98 4.57
C GLU A 20 -12.92 -0.74 3.29
N ASP A 21 -12.69 0.53 2.92
CA ASP A 21 -11.89 0.85 1.74
C ASP A 21 -10.43 1.09 2.14
N GLU A 22 -10.22 1.70 3.31
CA GLU A 22 -8.87 1.97 3.81
C GLU A 22 -8.27 0.70 4.42
N LEU A 23 -6.99 0.47 4.17
CA LEU A 23 -6.32 -0.71 4.71
C LEU A 23 -5.80 -0.43 6.12
N THR A 24 -5.58 -1.50 6.90
CA THR A 24 -5.09 -1.36 8.26
C THR A 24 -3.88 -2.27 8.48
N PHE A 25 -2.84 -1.75 9.14
CA PHE A 25 -1.64 -2.54 9.39
C PHE A 25 -0.77 -1.92 10.47
N ARG A 26 0.22 -2.68 10.93
CA ARG A 26 1.16 -2.20 11.95
C ARG A 26 2.53 -2.01 11.31
N GLU A 27 3.47 -1.41 12.04
CA GLU A 27 4.81 -1.18 11.50
C GLU A 27 5.56 -2.50 11.33
N GLY A 28 6.36 -2.59 10.27
CA GLY A 28 7.09 -3.82 9.98
C GLY A 28 6.18 -4.88 9.36
N GLU A 29 5.86 -4.68 8.08
CA GLU A 29 4.98 -5.58 7.34
C GLU A 29 5.03 -5.25 5.85
N ILE A 30 5.23 -6.26 5.01
CA ILE A 30 5.32 -6.03 3.56
C ILE A 30 3.98 -6.17 2.88
N ILE A 31 3.61 -5.14 2.12
CA ILE A 31 2.35 -5.10 1.40
C ILE A 31 2.57 -5.26 -0.11
N HIS A 32 1.62 -5.91 -0.76
CA HIS A 32 1.71 -6.15 -2.20
C HIS A 32 1.23 -4.91 -2.96
N LEU A 33 2.07 -4.39 -3.86
CA LEU A 33 1.73 -3.21 -4.62
C LEU A 33 1.00 -3.60 -5.91
N ILE A 34 -0.28 -3.26 -6.00
CA ILE A 34 -1.09 -3.61 -7.15
C ILE A 34 -0.99 -2.56 -8.26
N SER A 35 -1.16 -1.28 -7.90
CA SER A 35 -1.08 -0.19 -8.89
C SER A 35 -0.68 1.13 -8.24
N LYS A 36 0.29 1.83 -8.85
CA LYS A 36 0.74 3.12 -8.34
C LYS A 36 -0.19 4.25 -8.79
N GLU A 37 -1.09 3.94 -9.73
CA GLU A 37 -2.06 4.89 -10.24
C GLU A 37 -3.47 4.43 -9.87
N THR A 38 -4.04 5.05 -8.84
CA THR A 38 -5.39 4.68 -8.38
C THR A 38 -6.44 5.72 -8.78
N GLY A 39 -6.01 6.82 -9.41
CA GLY A 39 -6.92 7.89 -9.80
C GLY A 39 -6.69 9.17 -9.01
N GLU A 40 -5.89 9.08 -7.95
CA GLU A 40 -5.55 10.21 -7.10
C GLU A 40 -4.03 10.26 -6.90
N ALA A 41 -3.44 11.45 -7.09
CA ALA A 41 -2.00 11.62 -6.93
C ALA A 41 -1.60 11.38 -5.47
N GLY A 42 -0.47 10.68 -5.27
CA GLY A 42 0.01 10.40 -3.92
C GLY A 42 -0.63 9.15 -3.30
N TRP A 43 -1.73 8.67 -3.89
CA TRP A 43 -2.42 7.49 -3.37
C TRP A 43 -1.98 6.23 -4.11
N TRP A 44 -1.73 5.16 -3.35
CA TRP A 44 -1.31 3.89 -3.91
C TRP A 44 -2.29 2.79 -3.53
N LYS A 45 -2.27 1.68 -4.26
CA LYS A 45 -3.16 0.56 -4.00
C LYS A 45 -2.38 -0.73 -3.84
N GLY A 46 -2.74 -1.51 -2.82
CA GLY A 46 -2.08 -2.78 -2.56
C GLY A 46 -3.01 -3.81 -1.97
N GLU A 47 -2.50 -5.03 -1.79
CA GLU A 47 -3.28 -6.13 -1.23
C GLU A 47 -2.63 -6.60 0.08
N LEU A 48 -3.43 -6.63 1.14
CA LEU A 48 -2.97 -7.05 2.45
C LEU A 48 -3.98 -7.98 3.12
N ASN A 49 -3.62 -9.27 3.24
CA ASN A 49 -4.51 -10.25 3.86
C ASN A 49 -5.86 -10.33 3.14
N GLY A 50 -5.80 -10.31 1.79
CA GLY A 50 -6.99 -10.43 0.99
C GLY A 50 -7.79 -9.15 0.82
N LYS A 51 -7.37 -8.03 1.42
CA LYS A 51 -8.12 -6.78 1.29
C LYS A 51 -7.35 -5.78 0.45
N GLU A 52 -8.06 -5.14 -0.48
CA GLU A 52 -7.47 -4.13 -1.34
C GLU A 52 -7.95 -2.74 -0.91
N GLY A 53 -7.08 -1.74 -0.99
CA GLY A 53 -7.47 -0.40 -0.61
C GLY A 53 -6.38 0.62 -0.81
N VAL A 54 -6.71 1.89 -0.58
CA VAL A 54 -5.75 2.97 -0.75
C VAL A 54 -5.06 3.29 0.57
N PHE A 55 -3.89 3.88 0.45
CA PHE A 55 -3.08 4.23 1.61
C PHE A 55 -2.00 5.25 1.24
N PRO A 56 -1.42 5.91 2.25
CA PRO A 56 -0.37 6.89 2.05
C PRO A 56 0.83 6.23 1.40
N ASP A 57 1.43 6.92 0.43
CA ASP A 57 2.58 6.39 -0.28
C ASP A 57 3.88 6.82 0.43
N ASN A 58 3.71 7.52 1.56
CA ASN A 58 4.81 8.02 2.37
C ASN A 58 4.96 7.18 3.66
N PHE A 59 4.02 6.24 3.88
CA PHE A 59 4.02 5.38 5.06
C PHE A 59 4.70 4.04 4.77
N ALA A 60 5.35 3.94 3.61
CA ALA A 60 6.04 2.73 3.20
C ALA A 60 7.19 3.06 2.26
N VAL A 61 8.16 2.15 2.17
CA VAL A 61 9.31 2.35 1.31
C VAL A 61 9.33 1.32 0.19
N GLN A 62 9.22 1.83 -1.04
CA GLN A 62 9.22 1.00 -2.24
C GLN A 62 10.64 0.58 -2.61
N ILE A 63 10.80 -0.67 -3.06
CA ILE A 63 12.09 -1.17 -3.49
C ILE A 63 12.57 -0.39 -4.71
N SER A 64 11.69 -0.24 -5.70
CA SER A 64 12.01 0.48 -6.92
C SER A 64 10.94 1.53 -7.23
N GLY A 1 6.63 3.45 -15.12
CA GLY A 1 6.83 3.13 -13.67
C GLY A 1 6.30 1.76 -13.30
N ALA A 2 5.02 1.69 -12.91
CA ALA A 2 4.41 0.42 -12.52
C ALA A 2 4.28 -0.52 -13.73
N MET A 3 4.41 -1.82 -13.47
CA MET A 3 4.17 -2.86 -14.48
C MET A 3 4.62 -4.22 -13.97
N GLY A 4 3.63 -5.11 -13.72
CA GLY A 4 3.89 -6.45 -13.16
C GLY A 4 5.35 -6.83 -12.98
N ALA A 5 6.07 -6.19 -12.04
CA ALA A 5 7.46 -6.56 -11.80
C ALA A 5 7.66 -7.24 -10.45
N LYS A 6 6.56 -7.40 -9.69
CA LYS A 6 6.60 -8.05 -8.37
C LYS A 6 7.12 -7.09 -7.31
N GLU A 7 6.55 -5.89 -7.27
CA GLU A 7 7.00 -4.85 -6.33
C GLU A 7 6.33 -4.98 -4.96
N TYR A 8 7.16 -4.92 -3.91
CA TYR A 8 6.69 -5.00 -2.53
C TYR A 8 7.17 -3.77 -1.76
N CYS A 9 6.58 -3.54 -0.58
CA CYS A 9 6.97 -2.40 0.23
C CYS A 9 6.89 -2.69 1.72
N ARG A 10 7.81 -2.11 2.49
CA ARG A 10 7.83 -2.28 3.94
C ARG A 10 7.23 -1.05 4.62
N THR A 11 6.32 -1.27 5.55
CA THR A 11 5.67 -0.16 6.25
C THR A 11 6.60 0.49 7.26
N LEU A 12 7.01 1.73 6.95
CA LEU A 12 7.90 2.48 7.83
C LEU A 12 7.11 3.11 8.98
N PHE A 13 5.78 3.18 8.81
CA PHE A 13 4.90 3.76 9.82
C PHE A 13 3.53 3.08 9.78
N PRO A 14 2.81 3.02 10.92
CA PRO A 14 1.51 2.37 10.99
C PRO A 14 0.38 3.25 10.45
N TYR A 15 -0.65 2.60 9.91
CA TYR A 15 -1.80 3.29 9.35
C TYR A 15 -3.09 2.52 9.64
N THR A 16 -4.09 3.23 10.17
CA THR A 16 -5.38 2.62 10.49
C THR A 16 -6.43 3.13 9.51
N GLY A 17 -7.14 2.19 8.87
CA GLY A 17 -8.17 2.56 7.91
C GLY A 17 -9.44 3.06 8.56
N THR A 18 -10.01 4.12 7.98
CA THR A 18 -11.25 4.71 8.50
C THR A 18 -12.46 4.10 7.79
N ASN A 19 -12.20 3.45 6.65
CA ASN A 19 -13.23 2.79 5.86
C ASN A 19 -12.88 1.31 5.70
N GLU A 20 -13.89 0.47 5.47
CA GLU A 20 -13.65 -0.96 5.30
C GLU A 20 -12.62 -1.21 4.20
N ASP A 21 -12.94 -0.81 2.97
CA ASP A 21 -12.04 -0.97 1.82
C ASP A 21 -10.60 -0.54 2.11
N GLU A 22 -10.45 0.52 2.92
CA GLU A 22 -9.12 1.05 3.26
C GLU A 22 -8.30 0.02 4.02
N LEU A 23 -6.99 0.01 3.80
CA LEU A 23 -6.10 -0.94 4.45
C LEU A 23 -5.67 -0.47 5.85
N THR A 24 -5.46 -1.42 6.74
CA THR A 24 -5.03 -1.15 8.10
C THR A 24 -3.81 -2.02 8.44
N PHE A 25 -2.79 -1.42 9.05
CA PHE A 25 -1.58 -2.16 9.40
C PHE A 25 -0.75 -1.44 10.47
N ARG A 26 0.22 -2.16 11.04
CA ARG A 26 1.12 -1.59 12.04
C ARG A 26 2.50 -1.41 11.43
N GLU A 27 3.39 -0.68 12.10
CA GLU A 27 4.73 -0.45 11.58
C GLU A 27 5.52 -1.77 11.53
N GLY A 28 6.21 -1.98 10.41
CA GLY A 28 6.96 -3.22 10.23
C GLY A 28 6.08 -4.32 9.70
N GLU A 29 5.74 -4.24 8.42
CA GLU A 29 4.87 -5.22 7.76
C GLU A 29 4.94 -5.05 6.25
N ILE A 30 5.17 -6.13 5.53
CA ILE A 30 5.29 -6.06 4.07
C ILE A 30 3.94 -6.21 3.38
N ILE A 31 3.60 -5.21 2.57
CA ILE A 31 2.34 -5.19 1.84
C ILE A 31 2.58 -5.41 0.35
N HIS A 32 1.62 -6.06 -0.31
CA HIS A 32 1.76 -6.32 -1.73
C HIS A 32 1.34 -5.08 -2.53
N LEU A 33 2.26 -4.55 -3.34
CA LEU A 33 1.99 -3.35 -4.12
C LEU A 33 1.24 -3.71 -5.40
N ILE A 34 -0.04 -3.33 -5.45
CA ILE A 34 -0.88 -3.65 -6.61
C ILE A 34 -0.85 -2.53 -7.66
N SER A 35 -1.01 -1.29 -7.23
CA SER A 35 -1.01 -0.16 -8.16
C SER A 35 -0.58 1.14 -7.48
N LYS A 36 0.39 1.83 -8.08
CA LYS A 36 0.87 3.10 -7.54
C LYS A 36 -0.05 4.26 -7.93
N GLU A 37 -0.91 4.03 -8.93
CA GLU A 37 -1.86 5.03 -9.38
C GLU A 37 -3.29 4.52 -9.15
N THR A 38 -3.82 4.78 -7.95
CA THR A 38 -5.17 4.34 -7.60
C THR A 38 -6.25 5.32 -8.06
N GLY A 39 -5.85 6.37 -8.79
CA GLY A 39 -6.80 7.35 -9.26
C GLY A 39 -6.59 8.73 -8.67
N GLU A 40 -5.91 8.77 -7.51
CA GLU A 40 -5.61 10.03 -6.83
C GLU A 40 -4.09 10.11 -6.63
N ALA A 41 -3.52 11.27 -6.93
CA ALA A 41 -2.07 11.46 -6.80
C ALA A 41 -1.59 11.16 -5.38
N GLY A 42 -0.45 10.47 -5.27
CA GLY A 42 0.11 10.13 -3.98
C GLY A 42 -0.53 8.91 -3.31
N TRP A 43 -1.64 8.41 -3.86
CA TRP A 43 -2.32 7.25 -3.29
C TRP A 43 -1.88 5.96 -3.95
N TRP A 44 -1.66 4.93 -3.13
CA TRP A 44 -1.25 3.61 -3.61
C TRP A 44 -2.25 2.55 -3.18
N LYS A 45 -2.27 1.43 -3.91
CA LYS A 45 -3.17 0.33 -3.60
C LYS A 45 -2.37 -0.95 -3.35
N GLY A 46 -2.70 -1.64 -2.26
CA GLY A 46 -2.01 -2.87 -1.92
C GLY A 46 -2.94 -3.91 -1.35
N GLU A 47 -2.43 -5.11 -1.14
CA GLU A 47 -3.23 -6.21 -0.59
C GLU A 47 -2.63 -6.74 0.71
N LEU A 48 -3.51 -6.93 1.69
CA LEU A 48 -3.13 -7.46 3.00
C LEU A 48 -4.36 -8.05 3.68
N ASN A 49 -4.26 -9.33 4.05
CA ASN A 49 -5.36 -10.03 4.71
C ASN A 49 -6.54 -10.20 3.75
N GLY A 50 -6.22 -10.54 2.48
CA GLY A 50 -7.24 -10.74 1.47
C GLY A 50 -8.04 -9.51 1.11
N LYS A 51 -7.63 -8.32 1.58
CA LYS A 51 -8.35 -7.10 1.27
C LYS A 51 -7.48 -6.12 0.48
N GLU A 52 -8.09 -5.46 -0.50
CA GLU A 52 -7.41 -4.47 -1.31
C GLU A 52 -7.90 -3.08 -0.91
N GLY A 53 -7.01 -2.10 -0.90
CA GLY A 53 -7.43 -0.75 -0.52
C GLY A 53 -6.38 0.31 -0.78
N VAL A 54 -6.80 1.57 -0.64
CA VAL A 54 -5.90 2.68 -0.86
C VAL A 54 -5.32 3.18 0.45
N PHE A 55 -4.20 3.89 0.34
CA PHE A 55 -3.49 4.42 1.48
C PHE A 55 -2.35 5.31 1.01
N PRO A 56 -1.66 6.00 1.95
CA PRO A 56 -0.51 6.82 1.64
C PRO A 56 0.69 5.98 1.25
N ASP A 57 1.42 6.49 0.24
CA ASP A 57 2.58 5.80 -0.28
C ASP A 57 3.85 6.28 0.46
N ASN A 58 3.67 7.18 1.43
CA ASN A 58 4.77 7.68 2.24
C ASN A 58 4.96 6.85 3.51
N PHE A 59 4.07 5.88 3.76
CA PHE A 59 4.17 5.04 4.96
C PHE A 59 4.76 3.65 4.64
N ALA A 60 5.21 3.46 3.40
CA ALA A 60 5.79 2.19 2.97
C ALA A 60 6.83 2.41 1.87
N VAL A 61 8.03 1.89 2.07
CA VAL A 61 9.10 2.04 1.08
C VAL A 61 9.09 0.89 0.05
N GLN A 62 9.00 1.27 -1.21
CA GLN A 62 9.01 0.31 -2.32
C GLN A 62 10.44 -0.16 -2.60
N ILE A 63 10.60 -1.44 -2.92
CA ILE A 63 11.92 -1.99 -3.23
C ILE A 63 12.48 -1.33 -4.50
N SER A 64 11.65 -1.29 -5.55
CA SER A 64 12.04 -0.69 -6.81
C SER A 64 10.90 0.14 -7.41
N GLY A 1 3.44 -1.07 -9.38
CA GLY A 1 3.55 -1.06 -10.87
C GLY A 1 4.53 -0.02 -11.37
N ALA A 2 4.10 0.78 -12.34
CA ALA A 2 4.93 1.83 -12.95
C ALA A 2 6.16 1.24 -13.64
N MET A 3 7.20 0.86 -12.88
CA MET A 3 8.40 0.29 -13.50
C MET A 3 8.61 -1.17 -13.07
N GLY A 4 8.40 -2.10 -14.01
CA GLY A 4 8.60 -3.51 -13.71
C GLY A 4 7.29 -4.26 -13.53
N ALA A 5 7.40 -5.56 -13.25
CA ALA A 5 6.23 -6.43 -13.12
C ALA A 5 5.82 -6.67 -11.66
N LYS A 6 6.79 -6.70 -10.75
CA LYS A 6 6.48 -6.95 -9.34
C LYS A 6 7.02 -5.84 -8.47
N GLU A 7 6.16 -5.22 -7.64
CA GLU A 7 6.62 -4.15 -6.77
C GLU A 7 6.05 -4.31 -5.36
N TYR A 8 6.92 -4.29 -4.36
CA TYR A 8 6.51 -4.41 -2.98
C TYR A 8 7.04 -3.25 -2.14
N CYS A 9 6.38 -2.95 -1.03
CA CYS A 9 6.80 -1.85 -0.17
C CYS A 9 6.76 -2.26 1.31
N ARG A 10 7.70 -1.72 2.09
CA ARG A 10 7.78 -2.00 3.51
C ARG A 10 7.19 -0.84 4.32
N THR A 11 6.33 -1.16 5.29
CA THR A 11 5.71 -0.14 6.10
C THR A 11 6.67 0.40 7.16
N LEU A 12 6.92 1.71 7.11
CA LEU A 12 7.84 2.37 8.04
C LEU A 12 7.14 2.74 9.35
N PHE A 13 5.80 2.77 9.34
CA PHE A 13 5.02 3.12 10.54
C PHE A 13 3.62 2.51 10.46
N PRO A 14 2.95 2.35 11.63
CA PRO A 14 1.60 1.78 11.70
C PRO A 14 0.56 2.71 11.10
N TYR A 15 -0.48 2.13 10.52
CA TYR A 15 -1.56 2.89 9.89
C TYR A 15 -2.92 2.25 10.12
N THR A 16 -3.87 3.05 10.61
CA THR A 16 -5.22 2.59 10.88
C THR A 16 -6.18 3.14 9.84
N GLY A 17 -6.98 2.26 9.24
CA GLY A 17 -7.93 2.69 8.23
C GLY A 17 -9.15 3.39 8.81
N THR A 18 -9.48 4.55 8.27
CA THR A 18 -10.63 5.32 8.74
C THR A 18 -11.91 4.86 8.03
N ASN A 19 -11.73 4.35 6.80
CA ASN A 19 -12.81 3.83 5.98
C ASN A 19 -12.50 2.38 5.58
N GLU A 20 -13.53 1.65 5.19
CA GLU A 20 -13.36 0.24 4.81
C GLU A 20 -12.42 0.07 3.60
N ASP A 21 -12.11 1.15 2.90
CA ASP A 21 -11.21 1.09 1.74
C ASP A 21 -9.75 1.37 2.14
N GLU A 22 -9.56 2.01 3.30
CA GLU A 22 -8.21 2.34 3.77
C GLU A 22 -7.55 1.12 4.43
N LEU A 23 -6.88 0.31 3.61
CA LEU A 23 -6.20 -0.91 4.07
C LEU A 23 -5.48 -0.72 5.41
N THR A 24 -6.03 -1.28 6.50
CA THR A 24 -5.39 -1.14 7.81
C THR A 24 -4.20 -2.08 7.95
N PHE A 25 -3.18 -1.66 8.72
CA PHE A 25 -1.98 -2.48 8.94
C PHE A 25 -1.08 -1.88 10.03
N ARG A 26 -0.07 -2.65 10.45
CA ARG A 26 0.90 -2.20 11.45
C ARG A 26 2.26 -1.96 10.80
N GLU A 27 3.20 -1.37 11.54
CA GLU A 27 4.53 -1.11 11.01
C GLU A 27 5.32 -2.42 10.88
N GLY A 28 6.13 -2.53 9.83
CA GLY A 28 6.89 -3.73 9.60
C GLY A 28 6.02 -4.82 9.01
N GLU A 29 5.55 -4.60 7.79
CA GLU A 29 4.66 -5.52 7.10
C GLU A 29 4.73 -5.23 5.59
N ILE A 30 5.01 -6.26 4.79
CA ILE A 30 5.12 -6.05 3.35
C ILE A 30 3.77 -6.18 2.66
N ILE A 31 3.40 -5.13 1.94
CA ILE A 31 2.13 -5.07 1.23
C ILE A 31 2.34 -5.24 -0.27
N HIS A 32 1.47 -6.02 -0.88
CA HIS A 32 1.54 -6.29 -2.32
C HIS A 32 1.05 -5.07 -3.08
N LEU A 33 1.90 -4.50 -3.94
CA LEU A 33 1.53 -3.31 -4.69
C LEU A 33 0.71 -3.69 -5.92
N ILE A 34 -0.60 -3.47 -5.85
CA ILE A 34 -1.50 -3.84 -6.93
C ILE A 34 -1.53 -2.75 -8.02
N SER A 35 -1.76 -1.50 -7.61
CA SER A 35 -1.81 -0.40 -8.58
C SER A 35 -1.37 0.93 -7.95
N LYS A 36 -0.34 1.55 -8.54
CA LYS A 36 0.15 2.85 -8.04
C LYS A 36 -0.76 3.99 -8.52
N GLU A 37 -1.64 3.69 -9.48
CA GLU A 37 -2.57 4.67 -10.02
C GLU A 37 -4.01 4.23 -9.73
N THR A 38 -4.62 4.80 -8.69
CA THR A 38 -5.99 4.44 -8.32
C THR A 38 -7.00 5.55 -8.65
N GLY A 39 -6.50 6.66 -9.21
CA GLY A 39 -7.36 7.79 -9.54
C GLY A 39 -7.16 8.97 -8.59
N GLU A 40 -6.24 8.81 -7.63
CA GLU A 40 -5.90 9.83 -6.66
C GLU A 40 -4.38 9.94 -6.54
N ALA A 41 -3.85 11.15 -6.73
CA ALA A 41 -2.41 11.38 -6.64
C ALA A 41 -1.91 11.10 -5.22
N GLY A 42 -0.72 10.50 -5.12
CA GLY A 42 -0.15 10.19 -3.82
C GLY A 42 -0.84 9.04 -3.11
N TRP A 43 -1.63 8.26 -3.86
CA TRP A 43 -2.35 7.12 -3.28
C TRP A 43 -1.93 5.81 -3.93
N TRP A 44 -1.72 4.79 -3.09
CA TRP A 44 -1.31 3.48 -3.58
C TRP A 44 -2.34 2.43 -3.17
N LYS A 45 -2.37 1.31 -3.88
CA LYS A 45 -3.30 0.24 -3.60
C LYS A 45 -2.54 -1.08 -3.44
N GLY A 46 -2.90 -1.84 -2.41
CA GLY A 46 -2.23 -3.11 -2.16
C GLY A 46 -3.14 -4.14 -1.53
N GLU A 47 -2.60 -5.33 -1.26
CA GLU A 47 -3.36 -6.40 -0.64
C GLU A 47 -2.67 -6.90 0.63
N LEU A 48 -3.47 -7.08 1.68
CA LEU A 48 -2.97 -7.54 2.98
C LEU A 48 -3.98 -8.47 3.65
N ASN A 49 -3.62 -9.75 3.80
CA ASN A 49 -4.51 -10.74 4.43
C ASN A 49 -5.84 -10.85 3.67
N GLY A 50 -5.73 -10.90 2.34
CA GLY A 50 -6.90 -11.06 1.49
C GLY A 50 -7.72 -9.79 1.28
N LYS A 51 -7.32 -8.66 1.86
CA LYS A 51 -8.07 -7.42 1.68
C LYS A 51 -7.28 -6.42 0.84
N GLU A 52 -7.96 -5.80 -0.11
CA GLU A 52 -7.34 -4.80 -0.97
C GLU A 52 -7.82 -3.41 -0.55
N GLY A 53 -6.95 -2.41 -0.62
CA GLY A 53 -7.36 -1.08 -0.24
C GLY A 53 -6.32 -0.02 -0.52
N VAL A 54 -6.72 1.24 -0.40
CA VAL A 54 -5.81 2.34 -0.64
C VAL A 54 -5.24 2.86 0.66
N PHE A 55 -4.16 3.63 0.53
CA PHE A 55 -3.46 4.16 1.70
C PHE A 55 -2.39 5.16 1.26
N PRO A 56 -1.75 5.82 2.24
CA PRO A 56 -0.67 6.78 1.97
C PRO A 56 0.58 6.12 1.45
N ASP A 57 1.20 6.80 0.48
CA ASP A 57 2.40 6.31 -0.18
C ASP A 57 3.63 6.80 0.60
N ASN A 58 3.39 7.40 1.78
CA ASN A 58 4.44 7.91 2.65
C ASN A 58 4.72 6.96 3.81
N PHE A 59 3.86 5.95 4.02
CA PHE A 59 4.03 5.00 5.11
C PHE A 59 4.68 3.69 4.62
N ALA A 60 5.03 3.64 3.33
CA ALA A 60 5.65 2.46 2.73
C ALA A 60 6.63 2.85 1.64
N VAL A 61 7.86 2.37 1.75
CA VAL A 61 8.90 2.66 0.74
C VAL A 61 8.97 1.55 -0.30
N GLN A 62 9.12 1.95 -1.56
CA GLN A 62 9.26 1.00 -2.66
C GLN A 62 10.72 0.55 -2.77
N ILE A 63 10.93 -0.77 -2.91
CA ILE A 63 12.30 -1.31 -3.01
C ILE A 63 13.03 -0.73 -4.23
N SER A 64 12.31 -0.67 -5.36
CA SER A 64 12.88 -0.16 -6.61
C SER A 64 11.82 -0.19 -7.72
N GLY A 1 5.64 5.37 -13.98
CA GLY A 1 4.38 5.09 -13.24
C GLY A 1 4.21 3.62 -12.90
N ALA A 2 3.01 3.25 -12.45
CA ALA A 2 2.69 1.87 -12.08
C ALA A 2 2.57 0.96 -13.31
N MET A 3 2.80 -0.34 -13.08
CA MET A 3 2.58 -1.38 -14.10
C MET A 3 3.11 -2.72 -13.58
N GLY A 4 2.21 -3.70 -13.42
CA GLY A 4 2.59 -5.03 -12.90
C GLY A 4 4.07 -5.36 -13.02
N ALA A 5 4.90 -4.98 -12.04
CA ALA A 5 6.33 -5.29 -12.12
C ALA A 5 6.81 -6.18 -10.97
N LYS A 6 5.87 -6.77 -10.20
CA LYS A 6 6.23 -7.64 -9.08
C LYS A 6 6.83 -6.78 -7.96
N GLU A 7 6.02 -5.83 -7.48
CA GLU A 7 6.45 -4.87 -6.47
C GLU A 7 6.05 -5.25 -5.04
N TYR A 8 7.02 -5.11 -4.13
CA TYR A 8 6.82 -5.36 -2.71
C TYR A 8 7.24 -4.11 -1.92
N CYS A 9 6.74 -3.96 -0.69
CA CYS A 9 7.12 -2.77 0.09
C CYS A 9 6.98 -3.00 1.60
N ARG A 10 7.87 -2.35 2.36
CA ARG A 10 7.85 -2.43 3.82
C ARG A 10 7.31 -1.13 4.40
N THR A 11 6.41 -1.23 5.37
CA THR A 11 5.81 -0.04 5.98
C THR A 11 6.79 0.66 6.92
N LEU A 12 6.79 2.00 6.87
CA LEU A 12 7.65 2.82 7.72
C LEU A 12 6.88 3.39 8.92
N PHE A 13 5.55 3.46 8.80
CA PHE A 13 4.71 3.99 9.88
C PHE A 13 3.36 3.29 9.91
N PRO A 14 2.75 3.15 11.10
CA PRO A 14 1.46 2.48 11.24
C PRO A 14 0.33 3.31 10.64
N TYR A 15 -0.55 2.65 9.89
CA TYR A 15 -1.67 3.31 9.24
C TYR A 15 -2.98 2.58 9.55
N THR A 16 -3.99 3.32 10.00
CA THR A 16 -5.28 2.75 10.33
C THR A 16 -6.32 3.17 9.30
N GLY A 17 -7.06 2.20 8.76
CA GLY A 17 -8.07 2.51 7.77
C GLY A 17 -9.35 3.02 8.39
N THR A 18 -10.01 3.95 7.70
CA THR A 18 -11.26 4.54 8.19
C THR A 18 -12.47 3.97 7.45
N ASN A 19 -12.26 2.89 6.69
CA ASN A 19 -13.32 2.24 5.91
C ASN A 19 -13.02 0.75 5.76
N GLU A 20 -14.04 -0.01 5.34
CA GLU A 20 -13.88 -1.46 5.13
C GLU A 20 -13.03 -1.75 3.89
N ASP A 21 -12.83 -0.74 3.03
CA ASP A 21 -12.04 -0.90 1.82
C ASP A 21 -10.59 -0.44 2.06
N GLU A 22 -10.43 0.59 2.90
CA GLU A 22 -9.11 1.13 3.22
C GLU A 22 -8.28 0.08 3.98
N LEU A 23 -6.99 0.03 3.70
CA LEU A 23 -6.11 -0.94 4.34
C LEU A 23 -5.62 -0.47 5.70
N THR A 24 -5.33 -1.42 6.59
CA THR A 24 -4.84 -1.11 7.92
C THR A 24 -3.59 -1.93 8.21
N PHE A 25 -2.54 -1.28 8.71
CA PHE A 25 -1.29 -1.98 9.01
C PHE A 25 -0.44 -1.20 10.01
N ARG A 26 0.58 -1.86 10.56
CA ARG A 26 1.49 -1.24 11.51
C ARG A 26 2.88 -1.10 10.91
N GLU A 27 3.76 -0.33 11.55
CA GLU A 27 5.11 -0.14 11.03
C GLU A 27 5.88 -1.46 11.06
N GLY A 28 6.63 -1.73 10.00
CA GLY A 28 7.36 -2.97 9.90
C GLY A 28 6.46 -4.11 9.46
N GLU A 29 6.02 -4.06 8.21
CA GLU A 29 5.12 -5.06 7.64
C GLU A 29 5.20 -5.00 6.12
N ILE A 30 5.40 -6.16 5.48
CA ILE A 30 5.53 -6.19 4.03
C ILE A 30 4.19 -6.38 3.35
N ILE A 31 3.83 -5.41 2.51
CA ILE A 31 2.57 -5.42 1.78
C ILE A 31 2.81 -5.70 0.31
N HIS A 32 1.85 -6.36 -0.33
CA HIS A 32 1.98 -6.69 -1.74
C HIS A 32 1.51 -5.48 -2.55
N LEU A 33 2.44 -4.89 -3.31
CA LEU A 33 2.13 -3.72 -4.11
C LEU A 33 1.40 -4.12 -5.39
N ILE A 34 0.12 -3.77 -5.46
CA ILE A 34 -0.71 -4.11 -6.60
C ILE A 34 -0.67 -3.01 -7.67
N SER A 35 -0.85 -1.75 -7.26
CA SER A 35 -0.83 -0.64 -8.21
C SER A 35 -0.39 0.67 -7.57
N LYS A 36 0.70 1.24 -8.09
CA LYS A 36 1.22 2.51 -7.59
C LYS A 36 0.36 3.68 -8.07
N GLU A 37 -0.39 3.46 -9.15
CA GLU A 37 -1.28 4.48 -9.69
C GLU A 37 -2.73 4.02 -9.52
N THR A 38 -3.33 4.42 -8.41
CA THR A 38 -4.71 4.03 -8.11
C THR A 38 -5.73 5.06 -8.65
N GLY A 39 -5.24 6.06 -9.39
CA GLY A 39 -6.13 7.09 -9.93
C GLY A 39 -5.99 8.41 -9.18
N GLU A 40 -5.20 8.39 -8.10
CA GLU A 40 -4.93 9.56 -7.28
C GLU A 40 -3.44 9.63 -7.00
N ALA A 41 -2.82 10.75 -7.39
CA ALA A 41 -1.38 10.94 -7.18
C ALA A 41 -1.01 10.81 -5.71
N GLY A 42 0.12 10.16 -5.45
CA GLY A 42 0.57 9.96 -4.08
C GLY A 42 -0.13 8.82 -3.36
N TRP A 43 -0.98 8.06 -4.06
CA TRP A 43 -1.69 6.94 -3.44
C TRP A 43 -1.27 5.60 -4.07
N TRP A 44 -1.10 4.59 -3.22
CA TRP A 44 -0.72 3.24 -3.68
C TRP A 44 -1.78 2.22 -3.25
N LYS A 45 -1.75 1.06 -3.88
CA LYS A 45 -2.71 -0.01 -3.59
C LYS A 45 -1.99 -1.33 -3.34
N GLY A 46 -2.49 -2.08 -2.36
CA GLY A 46 -1.90 -3.37 -2.02
C GLY A 46 -2.92 -4.33 -1.42
N GLU A 47 -2.47 -5.52 -1.05
CA GLU A 47 -3.36 -6.53 -0.47
C GLU A 47 -2.85 -6.97 0.90
N LEU A 48 -3.78 -7.03 1.85
CA LEU A 48 -3.48 -7.45 3.22
C LEU A 48 -4.76 -7.91 3.90
N ASN A 49 -4.73 -9.13 4.43
CA ASN A 49 -5.90 -9.70 5.11
C ASN A 49 -7.05 -9.93 4.13
N GLY A 50 -6.71 -10.39 2.92
CA GLY A 50 -7.72 -10.68 1.91
C GLY A 50 -8.45 -9.47 1.38
N LYS A 51 -8.00 -8.26 1.71
CA LYS A 51 -8.66 -7.05 1.23
C LYS A 51 -7.71 -6.16 0.45
N GLU A 52 -8.22 -5.54 -0.60
CA GLU A 52 -7.44 -4.61 -1.42
C GLU A 52 -7.92 -3.20 -1.12
N GLY A 53 -7.00 -2.24 -1.07
CA GLY A 53 -7.39 -0.88 -0.78
C GLY A 53 -6.29 0.13 -1.00
N VAL A 54 -6.63 1.41 -0.85
CA VAL A 54 -5.67 2.48 -1.02
C VAL A 54 -5.16 2.97 0.32
N PHE A 55 -4.03 3.66 0.27
CA PHE A 55 -3.37 4.17 1.44
C PHE A 55 -2.24 5.12 1.05
N PRO A 56 -1.71 5.86 2.03
CA PRO A 56 -0.60 6.76 1.78
C PRO A 56 0.63 5.98 1.36
N ASP A 57 1.23 6.43 0.27
CA ASP A 57 2.39 5.76 -0.33
C ASP A 57 3.67 6.27 0.33
N ASN A 58 3.53 7.33 1.12
CA ASN A 58 4.62 7.90 1.88
C ASN A 58 4.72 7.26 3.28
N PHE A 59 3.82 6.29 3.54
CA PHE A 59 3.78 5.56 4.81
C PHE A 59 4.47 4.20 4.68
N ALA A 60 5.09 3.94 3.51
CA ALA A 60 5.79 2.69 3.26
C ALA A 60 6.96 2.92 2.31
N VAL A 61 7.94 2.02 2.37
CA VAL A 61 9.13 2.10 1.54
C VAL A 61 9.25 0.86 0.67
N GLN A 62 9.40 1.07 -0.64
CA GLN A 62 9.55 -0.03 -1.58
C GLN A 62 10.96 -0.59 -1.50
N ILE A 63 11.09 -1.92 -1.42
CA ILE A 63 12.40 -2.55 -1.33
C ILE A 63 13.27 -2.16 -2.52
N SER A 64 12.65 -2.14 -3.72
CA SER A 64 13.36 -1.79 -4.95
C SER A 64 12.37 -1.51 -6.08
#